data_2AN4
#
_entry.id   2AN4
#
_cell.length_a   93.470
_cell.length_b   93.470
_cell.length_c   187.740
_cell.angle_alpha   90.00
_cell.angle_beta   90.00
_cell.angle_gamma   90.00
#
_symmetry.space_group_name_H-M   'P 43 21 2'
#
loop_
_entity.id
_entity.type
_entity.pdbx_description
1 polymer 'Phenylethanolamine N-methyltransferase'
2 non-polymer 'PHOSPHATE ION'
3 non-polymer S-ADENOSYL-L-HOMOCYSTEINE
4 non-polymer 4-(2R-AMINO-1-HYDROXYETHYL)PHENOL
5 water water
#
_entity_poly.entity_id   1
_entity_poly.type   'polypeptide(L)'
_entity_poly.pdbx_seq_one_letter_code
;MSGADRSPNAGAAPDSAPGQAAVASAYQRFEPRAYLRNNYAPPRGDLCNPNGVGPWKLRCLAQTFATGEVSGRTLIDIGS
GPTVYQLLSACSHFEDITMTDFLEVNRQELGRWLQEEPGAFNWSMYSQHACLIEGKGECWQDKERQLRARVKRVLPIDVH
QPQPLGAGSPAPLPADALVSAFCLEAVSPDLASFQRALDHITTLLRPGGHLLLIGALEESWYLAGEARLTVVPVSEEEVR
EALVRSGYKVRDLRTYIMPAHLQTGVDDVKGVFFAWAQKVGLEHHHHHH
;
_entity_poly.pdbx_strand_id   A,B
#
loop_
_chem_comp.id
_chem_comp.type
_chem_comp.name
_chem_comp.formula
OTR non-polymer 4-(2R-AMINO-1-HYDROXYETHYL)PHENOL 'C8 H11 N O2'
PO4 non-polymer 'PHOSPHATE ION' 'O4 P -3'
SAH non-polymer S-ADENOSYL-L-HOMOCYSTEINE 'C14 H20 N6 O5 S'
#
# COMPACT_ATOMS: atom_id res chain seq x y z
N ALA A 24 -31.24 16.12 16.52
CA ALA A 24 -30.51 16.61 17.72
C ALA A 24 -30.68 15.62 18.86
N SER A 25 -31.93 15.28 19.13
CA SER A 25 -32.29 14.33 20.19
C SER A 25 -32.01 12.89 19.74
N ALA A 26 -32.34 12.59 18.49
CA ALA A 26 -32.11 11.25 17.95
C ALA A 26 -30.61 10.94 17.95
N TYR A 27 -29.80 11.94 17.63
CA TYR A 27 -28.35 11.76 17.60
C TYR A 27 -27.72 11.55 18.97
N GLN A 28 -28.53 11.64 20.02
CA GLN A 28 -27.98 11.47 21.36
C GLN A 28 -27.64 10.01 21.65
N ARG A 29 -28.19 9.10 20.88
CA ARG A 29 -27.91 7.68 21.07
C ARG A 29 -26.93 7.16 20.01
N PHE A 30 -26.43 8.08 19.20
CA PHE A 30 -25.48 7.79 18.12
C PHE A 30 -24.18 7.13 18.62
N GLU A 31 -23.90 5.93 18.13
CA GLU A 31 -22.69 5.19 18.50
C GLU A 31 -21.63 5.23 17.40
N PRO A 32 -20.58 6.04 17.57
CA PRO A 32 -19.49 6.18 16.59
C PRO A 32 -18.91 4.85 16.13
N ARG A 33 -18.64 3.95 17.07
CA ARG A 33 -18.08 2.66 16.73
C ARG A 33 -19.03 1.84 15.87
N ALA A 34 -20.33 1.99 16.10
CA ALA A 34 -21.32 1.25 15.33
C ALA A 34 -21.44 1.87 13.93
N TYR A 35 -21.33 3.19 13.86
CA TYR A 35 -21.42 3.85 12.57
C TYR A 35 -20.24 3.40 11.70
N LEU A 36 -19.04 3.49 12.26
CA LEU A 36 -17.82 3.09 11.56
C LEU A 36 -17.93 1.64 11.07
N ARG A 37 -18.39 0.77 11.95
CA ARG A 37 -18.54 -0.65 11.65
C ARG A 37 -19.54 -0.90 10.53
N ASN A 38 -20.61 -0.11 10.50
CA ASN A 38 -21.66 -0.25 9.51
C ASN A 38 -21.29 0.25 8.12
N ASN A 39 -20.40 1.22 8.05
CA ASN A 39 -20.04 1.82 6.79
C ASN A 39 -18.59 1.86 6.39
N TYR A 40 -17.69 1.52 7.30
CA TYR A 40 -16.28 1.56 6.95
C TYR A 40 -15.48 0.31 7.28
N ALA A 41 -16.21 -0.81 7.46
CA ALA A 41 -15.64 -2.11 7.74
C ALA A 41 -16.27 -2.99 6.65
N PRO A 42 -15.68 -4.16 6.36
CA PRO A 42 -16.27 -5.01 5.32
C PRO A 42 -17.76 -5.24 5.54
N PRO A 43 -18.54 -5.34 4.44
CA PRO A 43 -18.12 -5.25 3.04
C PRO A 43 -17.85 -3.86 2.45
N ARG A 44 -18.57 -2.84 2.91
CA ARG A 44 -18.35 -1.49 2.38
C ARG A 44 -16.93 -1.03 2.63
N GLY A 45 -16.34 -1.56 3.71
CA GLY A 45 -14.99 -1.19 4.08
C GLY A 45 -13.91 -2.07 3.50
N ASP A 46 -14.29 -2.94 2.58
CA ASP A 46 -13.35 -3.83 1.91
C ASP A 46 -13.04 -3.06 0.62
N LEU A 47 -11.88 -2.41 0.59
CA LEU A 47 -11.52 -1.60 -0.57
C LEU A 47 -10.85 -2.33 -1.72
N CYS A 48 -10.77 -3.65 -1.62
CA CYS A 48 -10.11 -4.44 -2.66
C CYS A 48 -10.84 -4.43 -4.01
N ASN A 49 -12.16 -4.47 -3.98
CA ASN A 49 -12.94 -4.45 -5.22
C ASN A 49 -13.14 -3.01 -5.66
N PRO A 50 -12.63 -2.68 -6.86
CA PRO A 50 -12.72 -1.34 -7.45
C PRO A 50 -14.14 -0.83 -7.69
N ASN A 51 -15.12 -1.73 -7.66
CA ASN A 51 -16.51 -1.35 -7.88
C ASN A 51 -17.22 -0.97 -6.58
N GLY A 52 -16.51 -1.01 -5.47
CA GLY A 52 -17.13 -0.65 -4.20
C GLY A 52 -17.38 0.83 -4.03
N VAL A 53 -18.14 1.18 -3.00
CA VAL A 53 -18.46 2.58 -2.71
C VAL A 53 -17.27 3.35 -2.11
N GLY A 54 -16.38 2.64 -1.42
CA GLY A 54 -15.22 3.27 -0.81
C GLY A 54 -14.26 3.75 -1.88
N PRO A 55 -13.85 2.85 -2.78
CA PRO A 55 -12.93 3.23 -3.85
C PRO A 55 -13.52 4.35 -4.72
N TRP A 56 -14.84 4.36 -4.86
CA TRP A 56 -15.51 5.38 -5.66
C TRP A 56 -15.38 6.76 -5.02
N LYS A 57 -15.67 6.85 -3.74
CA LYS A 57 -15.57 8.10 -3.02
C LYS A 57 -14.13 8.64 -2.99
N LEU A 58 -13.15 7.76 -2.75
CA LEU A 58 -11.76 8.20 -2.71
C LEU A 58 -11.30 8.67 -4.10
N ARG A 59 -11.82 8.00 -5.13
CA ARG A 59 -11.49 8.33 -6.50
C ARG A 59 -11.99 9.76 -6.80
N CYS A 60 -13.23 10.05 -6.41
CA CYS A 60 -13.81 11.37 -6.65
C CYS A 60 -12.99 12.47 -5.99
N LEU A 61 -12.64 12.27 -4.72
CA LEU A 61 -11.88 13.27 -3.98
C LEU A 61 -10.49 13.45 -4.57
N ALA A 62 -9.85 12.33 -4.91
CA ALA A 62 -8.50 12.35 -5.48
C ALA A 62 -8.43 13.07 -6.83
N GLN A 63 -9.34 12.74 -7.73
CA GLN A 63 -9.36 13.36 -9.04
C GLN A 63 -9.66 14.85 -8.98
N THR A 64 -10.54 15.24 -8.08
CA THR A 64 -10.89 16.66 -7.96
C THR A 64 -9.66 17.46 -7.53
N PHE A 65 -8.96 17.00 -6.51
CA PHE A 65 -7.76 17.69 -6.05
C PHE A 65 -6.61 17.58 -7.04
N ALA A 66 -6.60 16.51 -7.83
CA ALA A 66 -5.54 16.32 -8.82
C ALA A 66 -5.60 17.37 -9.91
N THR A 67 -6.75 18.02 -10.05
CA THR A 67 -6.94 19.06 -11.06
C THR A 67 -6.13 20.32 -10.70
N GLY A 68 -5.85 20.46 -9.41
CA GLY A 68 -5.09 21.62 -8.95
C GLY A 68 -5.94 22.88 -8.85
N GLU A 69 -7.23 22.76 -9.14
CA GLU A 69 -8.18 23.88 -9.09
C GLU A 69 -8.61 24.19 -7.67
N VAL A 70 -8.54 23.20 -6.80
CA VAL A 70 -8.93 23.37 -5.41
C VAL A 70 -7.67 23.50 -4.57
N SER A 71 -7.34 24.73 -4.19
CA SER A 71 -6.14 24.98 -3.40
C SER A 71 -6.30 26.16 -2.45
N GLY A 72 -5.38 26.27 -1.49
CA GLY A 72 -5.43 27.36 -0.54
C GLY A 72 -4.64 27.07 0.73
N ARG A 73 -5.00 27.76 1.81
CA ARG A 73 -4.32 27.60 3.09
C ARG A 73 -5.18 26.90 4.13
N THR A 74 -6.45 27.29 4.23
CA THR A 74 -7.35 26.68 5.22
C THR A 74 -8.52 25.93 4.61
N LEU A 75 -8.97 24.89 5.30
CA LEU A 75 -10.09 24.06 4.85
C LEU A 75 -10.87 23.57 6.06
N ILE A 76 -12.19 23.56 5.92
CA ILE A 76 -13.03 23.10 7.01
C ILE A 76 -13.89 21.91 6.57
N ASP A 77 -13.95 20.89 7.42
CA ASP A 77 -14.72 19.68 7.14
C ASP A 77 -15.95 19.74 8.03
N ILE A 78 -17.12 19.81 7.39
CA ILE A 78 -18.41 19.93 8.08
C ILE A 78 -19.05 18.60 8.45
N GLY A 79 -19.27 18.39 9.74
CA GLY A 79 -19.89 17.17 10.22
C GLY A 79 -19.02 15.97 9.91
N SER A 80 -17.79 16.01 10.41
CA SER A 80 -16.81 14.94 10.21
C SER A 80 -17.24 13.62 10.82
N GLY A 81 -18.04 13.69 11.88
CA GLY A 81 -18.45 12.47 12.52
C GLY A 81 -17.16 11.82 12.99
N PRO A 82 -17.08 10.48 13.02
CA PRO A 82 -15.83 9.86 13.46
C PRO A 82 -14.94 9.40 12.30
N THR A 83 -15.06 10.03 11.14
CA THR A 83 -14.27 9.57 10.00
C THR A 83 -13.27 10.58 9.43
N VAL A 84 -12.17 10.06 8.87
CA VAL A 84 -11.14 10.91 8.28
C VAL A 84 -10.88 10.69 6.78
N TYR A 85 -11.38 9.58 6.23
CA TYR A 85 -11.18 9.23 4.82
C TYR A 85 -11.45 10.39 3.84
N GLN A 86 -12.45 11.19 4.15
CA GLN A 86 -12.83 12.32 3.30
C GLN A 86 -11.76 13.42 3.18
N LEU A 87 -10.70 13.32 3.99
CA LEU A 87 -9.64 14.35 3.95
C LEU A 87 -8.28 13.81 3.49
N LEU A 88 -8.21 12.51 3.22
CA LEU A 88 -6.97 11.87 2.81
C LEU A 88 -6.28 12.46 1.59
N SER A 89 -7.05 12.86 0.59
CA SER A 89 -6.47 13.46 -0.62
C SER A 89 -6.44 14.97 -0.47
N ALA A 90 -7.32 15.49 0.37
CA ALA A 90 -7.40 16.92 0.58
C ALA A 90 -6.21 17.48 1.37
N CYS A 91 -5.83 16.79 2.44
CA CYS A 91 -4.76 17.24 3.32
C CYS A 91 -3.47 17.77 2.68
N SER A 92 -3.04 17.20 1.56
CA SER A 92 -1.80 17.68 0.95
C SER A 92 -1.97 19.00 0.19
N HIS A 93 -3.16 19.60 0.27
CA HIS A 93 -3.44 20.84 -0.44
C HIS A 93 -3.77 22.02 0.46
N PHE A 94 -3.95 21.75 1.75
CA PHE A 94 -4.26 22.79 2.72
C PHE A 94 -3.50 22.51 4.01
N GLU A 95 -2.77 23.50 4.50
CA GLU A 95 -1.98 23.36 5.71
C GLU A 95 -2.76 23.50 7.01
N ASP A 96 -3.87 24.23 6.96
CA ASP A 96 -4.69 24.41 8.15
C ASP A 96 -6.05 23.71 7.97
N ILE A 97 -6.24 22.60 8.67
CA ILE A 97 -7.49 21.86 8.55
C ILE A 97 -8.30 21.80 9.84
N THR A 98 -9.57 22.16 9.72
CA THR A 98 -10.47 22.14 10.87
C THR A 98 -11.50 21.05 10.67
N MET A 99 -11.60 20.15 11.64
CA MET A 99 -12.59 19.08 11.57
C MET A 99 -13.71 19.46 12.54
N THR A 100 -14.94 19.06 12.22
CA THR A 100 -16.04 19.42 13.10
C THR A 100 -17.11 18.34 13.27
N ASP A 101 -17.90 18.51 14.33
CA ASP A 101 -19.00 17.61 14.59
C ASP A 101 -19.87 18.05 15.75
N PHE A 102 -21.15 17.75 15.63
CA PHE A 102 -22.16 18.08 16.62
C PHE A 102 -21.99 17.31 17.93
N LEU A 103 -21.54 16.06 17.83
CA LEU A 103 -21.39 15.22 19.02
C LEU A 103 -20.01 15.15 19.63
N GLU A 104 -19.96 15.30 20.95
CA GLU A 104 -18.71 15.22 21.70
C GLU A 104 -18.12 13.82 21.50
N VAL A 105 -18.94 12.78 21.56
CA VAL A 105 -18.44 11.41 21.39
C VAL A 105 -17.69 11.23 20.07
N ASN A 106 -18.14 11.92 19.02
CA ASN A 106 -17.47 11.81 17.74
C ASN A 106 -16.12 12.50 17.78
N ARG A 107 -16.13 13.75 18.24
CA ARG A 107 -14.89 14.52 18.35
C ARG A 107 -13.86 13.75 19.18
N GLN A 108 -14.33 13.03 20.19
CA GLN A 108 -13.44 12.24 21.04
C GLN A 108 -12.85 11.10 20.21
N GLU A 109 -13.70 10.51 19.37
CA GLU A 109 -13.29 9.39 18.52
C GLU A 109 -12.25 9.89 17.52
N LEU A 110 -12.48 11.09 16.97
CA LEU A 110 -11.54 11.69 16.03
C LEU A 110 -10.21 11.92 16.74
N GLY A 111 -10.30 12.29 18.02
CA GLY A 111 -9.09 12.54 18.80
C GLY A 111 -8.27 11.27 18.99
N ARG A 112 -8.95 10.15 19.24
CA ARG A 112 -8.25 8.89 19.44
C ARG A 112 -7.42 8.47 18.23
N TRP A 113 -7.75 9.00 17.06
CA TRP A 113 -7.00 8.64 15.86
C TRP A 113 -5.93 9.67 15.56
N LEU A 114 -6.25 10.95 15.78
CA LEU A 114 -5.30 12.01 15.53
C LEU A 114 -4.12 11.85 16.49
N GLN A 115 -4.42 11.45 17.73
CA GLN A 115 -3.39 11.27 18.75
C GLN A 115 -2.80 9.87 18.72
N GLU A 116 -3.37 8.99 17.90
CA GLU A 116 -2.88 7.62 17.82
C GLU A 116 -3.01 6.96 19.20
N GLU A 117 -4.07 7.33 19.91
CA GLU A 117 -4.33 6.79 21.24
C GLU A 117 -4.84 5.36 21.14
N PRO A 118 -5.03 4.69 22.29
CA PRO A 118 -5.53 3.31 22.23
C PRO A 118 -6.98 3.23 21.74
N GLY A 119 -7.27 2.21 20.95
CA GLY A 119 -8.62 2.02 20.44
C GLY A 119 -9.02 2.84 19.23
N ALA A 120 -8.08 3.62 18.68
CA ALA A 120 -8.41 4.41 17.50
C ALA A 120 -8.84 3.48 16.38
N PHE A 121 -9.67 4.00 15.47
CA PHE A 121 -10.15 3.22 14.34
C PHE A 121 -9.01 3.06 13.34
N ASN A 122 -8.96 1.92 12.67
CA ASN A 122 -7.91 1.68 11.71
C ASN A 122 -8.30 2.09 10.29
N TRP A 123 -7.79 3.23 9.86
CA TRP A 123 -8.07 3.76 8.52
C TRP A 123 -7.01 3.40 7.50
N SER A 124 -6.06 2.56 7.88
CA SER A 124 -4.96 2.19 6.99
C SER A 124 -5.38 1.68 5.61
N MET A 125 -6.48 0.94 5.51
CA MET A 125 -6.90 0.45 4.20
C MET A 125 -7.30 1.64 3.31
N TYR A 126 -7.95 2.66 3.88
CA TYR A 126 -8.34 3.82 3.10
C TYR A 126 -7.13 4.70 2.75
N SER A 127 -6.19 4.82 3.70
CA SER A 127 -4.98 5.63 3.47
C SER A 127 -4.17 4.99 2.34
N GLN A 128 -4.05 3.67 2.40
CA GLN A 128 -3.33 2.91 1.39
C GLN A 128 -3.95 3.06 0.00
N HIS A 129 -5.26 2.90 -0.08
N HIS A 129 -5.26 2.90 -0.07
CA HIS A 129 -5.94 3.01 -1.37
CA HIS A 129 -5.97 3.01 -1.35
C HIS A 129 -5.94 4.44 -1.90
C HIS A 129 -5.91 4.43 -1.90
N ALA A 130 -5.92 5.41 -0.99
CA ALA A 130 -5.86 6.81 -1.40
C ALA A 130 -4.51 7.03 -2.06
N CYS A 131 -3.46 6.41 -1.50
CA CYS A 131 -2.12 6.52 -2.06
C CYS A 131 -2.04 5.80 -3.41
N LEU A 132 -2.74 4.68 -3.52
CA LEU A 132 -2.81 3.90 -4.76
C LEU A 132 -3.40 4.77 -5.88
N ILE A 133 -4.54 5.38 -5.59
CA ILE A 133 -5.28 6.23 -6.53
C ILE A 133 -4.58 7.53 -6.92
N GLU A 134 -3.95 8.20 -5.96
CA GLU A 134 -3.27 9.44 -6.29
C GLU A 134 -2.10 9.10 -7.21
N GLY A 135 -1.60 7.88 -7.08
CA GLY A 135 -0.52 7.43 -7.93
C GLY A 135 0.76 8.24 -7.86
N LYS A 136 1.06 8.77 -6.68
CA LYS A 136 2.26 9.56 -6.51
C LYS A 136 3.32 8.73 -5.78
N GLY A 137 3.08 7.43 -5.69
CA GLY A 137 4.03 6.56 -5.01
C GLY A 137 4.30 6.89 -3.55
N GLU A 138 3.35 7.50 -2.87
CA GLU A 138 3.51 7.85 -1.46
C GLU A 138 3.16 6.63 -0.60
N CYS A 139 3.78 6.53 0.58
CA CYS A 139 3.50 5.41 1.48
C CYS A 139 2.34 5.90 2.36
N TRP A 140 1.47 4.98 2.77
CA TRP A 140 0.31 5.38 3.58
C TRP A 140 0.63 6.03 4.91
N GLN A 141 1.78 5.69 5.51
CA GLN A 141 2.16 6.28 6.80
C GLN A 141 2.50 7.77 6.64
N ASP A 142 3.08 8.11 5.50
CA ASP A 142 3.44 9.50 5.24
C ASP A 142 2.17 10.32 5.02
N LYS A 143 1.16 9.71 4.41
CA LYS A 143 -0.09 10.42 4.15
C LYS A 143 -0.85 10.60 5.46
N GLU A 144 -0.94 9.54 6.27
CA GLU A 144 -1.63 9.64 7.55
C GLU A 144 -0.91 10.68 8.42
N ARG A 145 0.41 10.73 8.30
CA ARG A 145 1.22 11.66 9.08
C ARG A 145 0.94 13.11 8.67
N GLN A 146 0.77 13.36 7.37
CA GLN A 146 0.50 14.72 6.90
C GLN A 146 -0.89 15.17 7.38
N LEU A 147 -1.85 14.25 7.36
CA LEU A 147 -3.20 14.58 7.80
C LEU A 147 -3.24 14.92 9.29
N ARG A 148 -2.64 14.07 10.12
CA ARG A 148 -2.61 14.32 11.55
C ARG A 148 -1.97 15.66 11.85
N ALA A 149 -0.92 15.96 11.10
CA ALA A 149 -0.17 17.19 11.27
C ALA A 149 -0.95 18.44 10.83
N ARG A 150 -1.73 18.31 9.76
CA ARG A 150 -2.46 19.47 9.27
C ARG A 150 -3.82 19.74 9.93
N VAL A 151 -4.31 18.79 10.71
CA VAL A 151 -5.58 18.98 11.42
C VAL A 151 -5.24 19.75 12.70
N LYS A 152 -5.54 21.04 12.69
CA LYS A 152 -5.23 21.91 13.81
C LYS A 152 -6.26 21.89 14.94
N ARG A 153 -7.50 21.53 14.61
CA ARG A 153 -8.56 21.52 15.62
C ARG A 153 -9.82 20.75 15.22
N VAL A 154 -10.51 20.22 16.22
CA VAL A 154 -11.77 19.49 16.02
C VAL A 154 -12.80 20.28 16.83
N LEU A 155 -13.66 21.02 16.14
CA LEU A 155 -14.66 21.87 16.80
C LEU A 155 -16.12 21.45 16.74
N PRO A 156 -16.91 21.92 17.72
CA PRO A 156 -18.34 21.61 17.77
C PRO A 156 -18.98 22.40 16.63
N ILE A 157 -20.13 21.95 16.15
CA ILE A 157 -20.77 22.64 15.04
C ILE A 157 -22.23 22.26 14.94
N ASP A 158 -23.03 23.18 14.41
CA ASP A 158 -24.45 22.96 14.23
C ASP A 158 -24.83 23.65 12.93
N VAL A 159 -25.02 22.88 11.87
CA VAL A 159 -25.36 23.47 10.58
C VAL A 159 -26.70 24.17 10.57
N HIS A 160 -27.47 24.01 11.64
CA HIS A 160 -28.78 24.65 11.71
C HIS A 160 -28.70 26.10 12.19
N GLN A 161 -27.55 26.48 12.72
CA GLN A 161 -27.34 27.84 13.20
C GLN A 161 -26.82 28.70 12.05
N PRO A 162 -27.34 29.92 11.90
CA PRO A 162 -26.90 30.81 10.82
C PRO A 162 -25.38 30.97 10.88
N GLN A 163 -24.84 30.79 12.08
CA GLN A 163 -23.40 30.85 12.34
C GLN A 163 -23.02 29.49 12.92
N PRO A 164 -22.89 28.47 12.05
CA PRO A 164 -22.54 27.08 12.37
C PRO A 164 -21.47 26.82 13.44
N LEU A 165 -20.37 27.57 13.39
CA LEU A 165 -19.28 27.38 14.35
C LEU A 165 -19.28 28.32 15.54
N GLY A 166 -20.42 28.92 15.85
CA GLY A 166 -20.46 29.84 16.98
C GLY A 166 -19.97 31.22 16.61
N ALA A 167 -19.69 32.03 17.62
CA ALA A 167 -19.24 33.41 17.40
C ALA A 167 -17.73 33.64 17.34
N GLY A 168 -17.00 33.19 18.36
CA GLY A 168 -15.56 33.41 18.37
C GLY A 168 -14.66 32.24 18.02
N SER A 169 -15.19 31.29 17.26
CA SER A 169 -14.45 30.09 16.85
C SER A 169 -12.98 30.31 16.47
N PRO A 170 -12.11 29.34 16.83
CA PRO A 170 -10.66 29.34 16.57
C PRO A 170 -10.33 29.09 15.10
N ALA A 171 -11.31 28.55 14.37
CA ALA A 171 -11.15 28.24 12.95
C ALA A 171 -11.02 29.49 12.08
N PRO A 172 -9.97 29.53 11.23
CA PRO A 172 -9.74 30.68 10.34
C PRO A 172 -10.89 30.84 9.36
N LEU A 173 -11.55 31.99 9.40
CA LEU A 173 -12.67 32.24 8.51
C LEU A 173 -12.42 33.49 7.68
N PRO A 174 -12.86 33.50 6.41
CA PRO A 174 -13.58 32.41 5.74
C PRO A 174 -12.60 31.36 5.24
N ALA A 175 -13.06 30.12 5.14
CA ALA A 175 -12.21 29.03 4.70
C ALA A 175 -11.98 29.07 3.19
N ASP A 176 -10.84 28.53 2.76
CA ASP A 176 -10.49 28.47 1.35
C ASP A 176 -11.31 27.37 0.67
N ALA A 177 -11.65 26.35 1.45
CA ALA A 177 -12.42 25.25 0.93
C ALA A 177 -13.21 24.53 2.01
N LEU A 178 -14.28 23.86 1.57
CA LEU A 178 -15.14 23.10 2.45
C LEU A 178 -15.30 21.69 1.92
N VAL A 179 -15.42 20.75 2.84
CA VAL A 179 -15.63 19.35 2.52
C VAL A 179 -16.68 18.89 3.52
N SER A 180 -17.68 18.14 3.05
CA SER A 180 -18.71 17.61 3.94
C SER A 180 -19.25 16.32 3.33
N ALA A 181 -19.29 15.27 4.14
CA ALA A 181 -19.76 13.97 3.68
C ALA A 181 -20.84 13.38 4.58
N PHE A 182 -22.00 13.12 3.99
CA PHE A 182 -23.14 12.54 4.70
C PHE A 182 -23.58 13.31 5.95
N CYS A 183 -23.60 14.63 5.85
CA CYS A 183 -24.03 15.40 7.00
C CYS A 183 -25.37 16.07 6.78
N LEU A 184 -25.39 17.06 5.89
CA LEU A 184 -26.62 17.81 5.61
C LEU A 184 -27.89 16.95 5.53
N GLU A 185 -27.94 16.06 4.55
CA GLU A 185 -29.14 15.24 4.39
C GLU A 185 -29.42 14.36 5.60
N ALA A 186 -28.39 14.10 6.42
CA ALA A 186 -28.58 13.25 7.60
C ALA A 186 -29.01 14.04 8.83
N VAL A 187 -29.08 15.36 8.71
CA VAL A 187 -29.47 16.20 9.84
C VAL A 187 -30.66 17.11 9.56
N SER A 188 -31.27 16.93 8.39
CA SER A 188 -32.41 17.76 7.99
C SER A 188 -33.69 16.95 7.76
N PRO A 189 -34.83 17.43 8.28
CA PRO A 189 -36.12 16.75 8.15
C PRO A 189 -36.66 16.75 6.71
N ASP A 190 -36.30 17.78 5.95
CA ASP A 190 -36.77 17.89 4.58
C ASP A 190 -35.83 18.70 3.72
N LEU A 191 -36.18 18.80 2.45
CA LEU A 191 -35.37 19.54 1.49
C LEU A 191 -35.12 20.97 1.96
N ALA A 192 -36.18 21.65 2.41
CA ALA A 192 -36.07 23.03 2.88
C ALA A 192 -35.02 23.22 3.97
N SER A 193 -35.06 22.35 4.98
CA SER A 193 -34.10 22.41 6.07
C SER A 193 -32.71 22.14 5.48
N PHE A 194 -32.66 21.26 4.50
CA PHE A 194 -31.40 20.91 3.82
C PHE A 194 -30.84 22.16 3.14
N GLN A 195 -31.72 22.88 2.45
CA GLN A 195 -31.34 24.10 1.74
C GLN A 195 -30.77 25.14 2.71
N ARG A 196 -31.47 25.37 3.82
CA ARG A 196 -31.00 26.34 4.80
C ARG A 196 -29.65 25.91 5.40
N ALA A 197 -29.51 24.62 5.66
CA ALA A 197 -28.26 24.09 6.22
C ALA A 197 -27.10 24.40 5.27
N LEU A 198 -27.33 24.18 3.98
CA LEU A 198 -26.31 24.45 2.98
C LEU A 198 -25.96 25.94 3.01
N ASP A 199 -27.00 26.78 3.15
CA ASP A 199 -26.79 28.21 3.19
C ASP A 199 -25.95 28.59 4.41
N HIS A 200 -26.24 27.96 5.53
CA HIS A 200 -25.50 28.24 6.76
C HIS A 200 -24.01 27.91 6.66
N ILE A 201 -23.66 26.75 6.09
CA ILE A 201 -22.26 26.40 5.96
C ILE A 201 -21.58 27.18 4.83
N THR A 202 -22.36 27.60 3.85
CA THR A 202 -21.79 28.35 2.71
C THR A 202 -21.24 29.70 3.15
N THR A 203 -21.70 30.18 4.31
CA THR A 203 -21.24 31.46 4.83
C THR A 203 -19.80 31.36 5.33
N LEU A 204 -19.37 30.13 5.65
CA LEU A 204 -18.03 29.87 6.14
C LEU A 204 -17.03 29.82 4.99
N LEU A 205 -17.55 29.66 3.78
CA LEU A 205 -16.71 29.59 2.60
C LEU A 205 -16.51 30.95 1.94
N ARG A 206 -15.28 31.25 1.59
CA ARG A 206 -14.93 32.52 0.95
C ARG A 206 -15.40 32.52 -0.51
N PRO A 207 -15.75 33.70 -1.05
CA PRO A 207 -16.20 33.74 -2.44
C PRO A 207 -15.14 33.13 -3.34
N GLY A 208 -15.57 32.37 -4.35
CA GLY A 208 -14.61 31.75 -5.24
C GLY A 208 -14.00 30.52 -4.58
N GLY A 209 -14.46 30.22 -3.37
CA GLY A 209 -13.97 29.06 -2.65
C GLY A 209 -14.55 27.78 -3.22
N HIS A 210 -14.14 26.63 -2.68
CA HIS A 210 -14.62 25.36 -3.19
C HIS A 210 -15.29 24.49 -2.14
N LEU A 211 -16.35 23.82 -2.57
CA LEU A 211 -17.08 22.90 -1.71
C LEU A 211 -17.10 21.53 -2.35
N LEU A 212 -16.69 20.53 -1.57
CA LEU A 212 -16.69 19.14 -2.02
C LEU A 212 -17.74 18.47 -1.15
N LEU A 213 -18.91 18.24 -1.74
CA LEU A 213 -20.01 17.62 -1.02
C LEU A 213 -20.33 16.18 -1.46
N ILE A 214 -20.37 15.28 -0.48
CA ILE A 214 -20.68 13.88 -0.69
C ILE A 214 -21.90 13.55 0.20
N GLY A 215 -22.81 12.74 -0.31
CA GLY A 215 -23.98 12.41 0.49
C GLY A 215 -24.78 11.22 -0.02
N ALA A 216 -25.80 10.86 0.75
CA ALA A 216 -26.64 9.74 0.40
C ALA A 216 -27.78 10.14 -0.54
N LEU A 217 -27.99 9.35 -1.58
CA LEU A 217 -29.07 9.60 -2.54
C LEU A 217 -30.28 8.74 -2.22
N GLU A 218 -31.45 9.38 -2.19
CA GLU A 218 -32.71 8.72 -1.94
C GLU A 218 -32.69 7.78 -0.73
N GLU A 219 -32.10 8.23 0.37
CA GLU A 219 -32.02 7.45 1.61
C GLU A 219 -32.96 8.09 2.64
N SER A 220 -33.52 7.28 3.55
CA SER A 220 -34.43 7.84 4.53
C SER A 220 -34.08 7.50 5.98
N TRP A 221 -33.22 6.53 6.19
CA TRP A 221 -32.80 6.14 7.54
C TRP A 221 -31.49 5.36 7.47
N TYR A 222 -30.77 5.35 8.58
CA TYR A 222 -29.53 4.59 8.70
C TYR A 222 -29.32 4.42 10.20
N LEU A 223 -28.75 3.29 10.59
CA LEU A 223 -28.53 2.97 11.99
C LEU A 223 -27.12 3.26 12.48
N ALA A 224 -27.03 3.57 13.76
CA ALA A 224 -25.75 3.85 14.41
C ALA A 224 -25.86 3.28 15.82
N GLY A 225 -25.97 1.96 15.91
CA GLY A 225 -26.12 1.32 17.20
C GLY A 225 -27.56 1.40 17.63
N GLU A 226 -27.81 1.90 18.85
CA GLU A 226 -29.16 2.04 19.38
C GLU A 226 -29.94 3.14 18.68
N ALA A 227 -29.24 4.02 17.98
CA ALA A 227 -29.88 5.14 17.28
C ALA A 227 -30.30 4.86 15.85
N ARG A 228 -31.50 5.32 15.51
CA ARG A 228 -32.03 5.21 14.15
C ARG A 228 -32.16 6.66 13.73
N LEU A 229 -31.47 7.05 12.67
CA LEU A 229 -31.52 8.43 12.23
C LEU A 229 -32.37 8.58 10.98
N THR A 230 -33.13 9.67 10.92
CA THR A 230 -33.96 9.95 9.77
C THR A 230 -33.10 10.69 8.76
N VAL A 231 -33.39 10.48 7.48
CA VAL A 231 -32.62 11.14 6.43
C VAL A 231 -33.62 11.65 5.41
N VAL A 232 -33.33 12.80 4.82
CA VAL A 232 -34.19 13.37 3.82
C VAL A 232 -33.72 12.78 2.49
N PRO A 233 -34.58 11.96 1.86
CA PRO A 233 -34.26 11.34 0.58
C PRO A 233 -34.14 12.39 -0.51
N VAL A 234 -32.92 12.63 -0.97
CA VAL A 234 -32.71 13.64 -2.00
C VAL A 234 -32.26 13.00 -3.30
N SER A 235 -32.46 13.70 -4.41
CA SER A 235 -32.06 13.17 -5.71
C SER A 235 -30.93 14.04 -6.25
N GLU A 236 -30.36 13.64 -7.37
CA GLU A 236 -29.28 14.40 -7.99
C GLU A 236 -29.76 15.81 -8.37
N GLU A 237 -30.89 15.89 -9.08
CA GLU A 237 -31.40 17.20 -9.49
C GLU A 237 -31.69 18.07 -8.28
N GLU A 238 -32.26 17.48 -7.24
CA GLU A 238 -32.54 18.27 -6.04
C GLU A 238 -31.26 18.79 -5.42
N VAL A 239 -30.19 18.02 -5.48
CA VAL A 239 -28.91 18.41 -4.93
C VAL A 239 -28.27 19.50 -5.82
N ARG A 240 -28.41 19.36 -7.12
CA ARG A 240 -27.88 20.36 -8.04
C ARG A 240 -28.58 21.70 -7.84
N GLU A 241 -29.90 21.70 -7.91
CA GLU A 241 -30.69 22.91 -7.74
C GLU A 241 -30.37 23.61 -6.42
N ALA A 242 -30.16 22.82 -5.37
CA ALA A 242 -29.86 23.38 -4.05
C ALA A 242 -28.49 24.08 -4.02
N LEU A 243 -27.51 23.52 -4.71
CA LEU A 243 -26.19 24.12 -4.76
C LEU A 243 -26.30 25.43 -5.53
N VAL A 244 -27.10 25.42 -6.59
CA VAL A 244 -27.30 26.62 -7.39
C VAL A 244 -28.00 27.70 -6.56
N ARG A 245 -29.10 27.31 -5.93
CA ARG A 245 -29.86 28.24 -5.10
C ARG A 245 -29.00 28.84 -3.99
N SER A 246 -27.89 28.18 -3.68
CA SER A 246 -27.01 28.70 -2.63
C SER A 246 -25.91 29.57 -3.21
N GLY A 247 -25.89 29.69 -4.53
CA GLY A 247 -24.88 30.51 -5.18
C GLY A 247 -23.60 29.76 -5.51
N TYR A 248 -23.76 28.60 -6.14
CA TYR A 248 -22.62 27.77 -6.52
C TYR A 248 -22.70 27.46 -7.99
N LYS A 249 -21.54 27.39 -8.64
CA LYS A 249 -21.50 26.98 -10.02
C LYS A 249 -21.11 25.51 -9.82
N VAL A 250 -21.96 24.59 -10.26
CA VAL A 250 -21.62 23.18 -10.11
C VAL A 250 -20.56 22.81 -11.14
N ARG A 251 -19.35 22.51 -10.65
CA ARG A 251 -18.24 22.15 -11.52
C ARG A 251 -18.36 20.69 -11.94
N ASP A 252 -18.84 19.84 -11.03
CA ASP A 252 -18.96 18.42 -11.30
C ASP A 252 -19.98 17.80 -10.33
N LEU A 253 -20.70 16.78 -10.80
CA LEU A 253 -21.70 16.11 -9.98
C LEU A 253 -21.90 14.69 -10.47
N ARG A 254 -21.39 13.72 -9.71
CA ARG A 254 -21.47 12.31 -10.09
C ARG A 254 -22.33 11.48 -9.14
N THR A 255 -22.83 10.37 -9.66
CA THR A 255 -23.66 9.45 -8.89
C THR A 255 -23.12 8.02 -8.90
N TYR A 256 -23.19 7.39 -7.74
CA TYR A 256 -22.77 6.01 -7.57
C TYR A 256 -24.01 5.24 -7.15
N ILE A 257 -24.37 4.21 -7.91
CA ILE A 257 -25.53 3.40 -7.55
C ILE A 257 -25.06 2.31 -6.59
N MET A 258 -25.69 2.22 -5.42
CA MET A 258 -25.30 1.24 -4.42
C MET A 258 -25.59 -0.16 -4.91
N PRO A 259 -24.54 -0.94 -5.22
CA PRO A 259 -24.73 -2.31 -5.70
C PRO A 259 -25.38 -3.19 -4.64
N ALA A 260 -25.96 -4.30 -5.10
CA ALA A 260 -26.64 -5.24 -4.21
C ALA A 260 -25.74 -5.75 -3.09
N HIS A 261 -24.50 -6.15 -3.43
CA HIS A 261 -23.62 -6.67 -2.40
C HIS A 261 -23.35 -5.69 -1.26
N LEU A 262 -23.57 -4.40 -1.50
CA LEU A 262 -23.33 -3.41 -0.45
C LEU A 262 -24.60 -2.91 0.26
N GLN A 263 -25.75 -3.51 -0.06
CA GLN A 263 -27.02 -3.16 0.59
C GLN A 263 -27.09 -4.15 1.75
N THR A 264 -26.93 -3.65 2.97
CA THR A 264 -26.85 -4.53 4.13
C THR A 264 -27.84 -4.40 5.28
N GLY A 265 -28.86 -3.57 5.16
CA GLY A 265 -29.77 -3.46 6.29
C GLY A 265 -29.33 -2.52 7.39
N VAL A 266 -28.33 -1.68 7.13
CA VAL A 266 -27.88 -0.71 8.12
C VAL A 266 -28.52 0.61 7.69
N ASP A 267 -29.14 0.56 6.51
CA ASP A 267 -29.83 1.71 5.94
C ASP A 267 -30.58 1.26 4.70
N ASP A 268 -31.15 2.23 3.98
CA ASP A 268 -31.88 1.96 2.76
C ASP A 268 -31.36 2.88 1.65
N VAL A 269 -30.09 3.27 1.75
CA VAL A 269 -29.47 4.15 0.76
C VAL A 269 -29.55 3.54 -0.65
N LYS A 270 -29.81 4.36 -1.66
CA LYS A 270 -29.92 3.88 -3.04
C LYS A 270 -28.69 4.23 -3.87
N GLY A 271 -28.09 5.37 -3.56
CA GLY A 271 -26.93 5.79 -4.30
C GLY A 271 -26.12 6.75 -3.46
N VAL A 272 -25.03 7.26 -4.03
CA VAL A 272 -24.17 8.22 -3.33
C VAL A 272 -23.78 9.28 -4.35
N PHE A 273 -23.81 10.55 -3.95
CA PHE A 273 -23.47 11.59 -4.90
C PHE A 273 -22.20 12.34 -4.49
N PHE A 274 -21.53 12.87 -5.51
CA PHE A 274 -20.34 13.66 -5.27
C PHE A 274 -20.49 14.95 -6.04
N ALA A 275 -20.38 16.07 -5.34
CA ALA A 275 -20.50 17.37 -5.97
C ALA A 275 -19.28 18.24 -5.70
N TRP A 276 -18.79 18.84 -6.77
CA TRP A 276 -17.67 19.76 -6.68
C TRP A 276 -18.28 21.08 -7.12
N ALA A 277 -18.53 21.95 -6.15
CA ALA A 277 -19.15 23.23 -6.44
C ALA A 277 -18.30 24.42 -6.00
N GLN A 278 -18.29 25.44 -6.84
CA GLN A 278 -17.52 26.65 -6.55
C GLN A 278 -18.43 27.84 -6.23
N LYS A 279 -18.16 28.49 -5.11
CA LYS A 279 -18.95 29.65 -4.69
C LYS A 279 -18.84 30.79 -5.68
N VAL A 280 -19.92 31.04 -6.41
CA VAL A 280 -19.96 32.13 -7.38
C VAL A 280 -19.54 33.41 -6.68
N GLY A 281 -18.38 33.94 -7.04
CA GLY A 281 -17.88 35.16 -6.44
C GLY A 281 -16.64 35.66 -7.13
N PRO B 14 42.04 -26.65 -8.44
CA PRO B 14 41.98 -26.89 -6.98
C PRO B 14 40.88 -27.88 -6.63
N ASP B 15 40.40 -27.82 -5.39
CA ASP B 15 39.33 -28.69 -4.92
C ASP B 15 38.27 -27.78 -4.29
N SER B 16 37.02 -27.92 -4.73
CA SER B 16 35.93 -27.07 -4.24
C SER B 16 35.35 -27.53 -2.90
N ALA B 17 35.40 -28.83 -2.66
CA ALA B 17 34.87 -29.41 -1.43
C ALA B 17 35.13 -28.63 -0.13
N PRO B 18 36.40 -28.31 0.17
CA PRO B 18 36.72 -27.57 1.40
C PRO B 18 35.88 -26.32 1.67
N GLY B 19 35.92 -25.36 0.75
CA GLY B 19 35.16 -24.14 0.91
C GLY B 19 33.67 -24.37 1.08
N GLN B 20 33.13 -25.29 0.29
CA GLN B 20 31.71 -25.60 0.35
C GLN B 20 31.32 -26.15 1.73
N ALA B 21 32.28 -26.80 2.38
CA ALA B 21 32.04 -27.34 3.71
C ALA B 21 32.07 -26.20 4.72
N ALA B 22 32.94 -25.22 4.48
CA ALA B 22 33.03 -24.08 5.38
C ALA B 22 31.71 -23.34 5.35
N VAL B 23 31.20 -23.10 4.13
CA VAL B 23 29.93 -22.41 3.92
C VAL B 23 28.77 -23.17 4.58
N ALA B 24 28.62 -24.43 4.20
CA ALA B 24 27.56 -25.26 4.77
C ALA B 24 27.57 -25.20 6.31
N SER B 25 28.77 -25.33 6.88
CA SER B 25 28.95 -25.28 8.32
C SER B 25 28.45 -23.94 8.90
N ALA B 26 28.91 -22.83 8.33
CA ALA B 26 28.51 -21.52 8.79
C ALA B 26 27.00 -21.34 8.84
N TYR B 27 26.32 -21.72 7.76
CA TYR B 27 24.87 -21.57 7.70
C TYR B 27 24.06 -22.38 8.71
N GLN B 28 24.74 -23.15 9.55
CA GLN B 28 24.04 -23.92 10.58
C GLN B 28 23.63 -23.00 11.72
N ARG B 29 24.27 -21.84 11.83
CA ARG B 29 23.92 -20.90 12.89
C ARG B 29 23.06 -19.76 12.35
N PHE B 30 22.65 -19.89 11.09
CA PHE B 30 21.82 -18.89 10.42
C PHE B 30 20.45 -18.80 11.10
N GLU B 31 20.08 -17.62 11.56
CA GLU B 31 18.79 -17.41 12.22
C GLU B 31 17.86 -16.58 11.35
N PRO B 32 16.85 -17.24 10.71
CA PRO B 32 15.88 -16.57 9.84
C PRO B 32 15.38 -15.23 10.37
N ARG B 33 14.86 -15.25 11.59
CA ARG B 33 14.32 -14.07 12.23
C ARG B 33 15.27 -12.90 12.35
N ALA B 34 16.51 -13.19 12.73
CA ALA B 34 17.52 -12.15 12.87
C ALA B 34 17.81 -11.55 11.49
N TYR B 35 17.84 -12.41 10.48
CA TYR B 35 18.10 -11.98 9.11
C TYR B 35 17.01 -11.04 8.65
N LEU B 36 15.76 -11.45 8.89
CA LEU B 36 14.58 -10.65 8.54
C LEU B 36 14.60 -9.30 9.23
N ARG B 37 14.97 -9.30 10.51
CA ARG B 37 15.02 -8.07 11.28
C ARG B 37 16.11 -7.13 10.77
N ASN B 38 17.26 -7.70 10.41
CA ASN B 38 18.39 -6.90 9.94
C ASN B 38 18.21 -6.27 8.58
N ASN B 39 17.53 -6.98 7.68
CA ASN B 39 17.37 -6.52 6.31
C ASN B 39 15.98 -6.18 5.80
N TYR B 40 14.94 -6.62 6.49
CA TYR B 40 13.60 -6.32 6.04
C TYR B 40 12.70 -5.58 7.01
N ALA B 41 13.30 -5.05 8.07
CA ALA B 41 12.59 -4.27 9.07
C ALA B 41 13.29 -2.90 9.05
N PRO B 42 12.63 -1.84 9.54
CA PRO B 42 13.28 -0.52 9.52
C PRO B 42 14.69 -0.58 10.12
N PRO B 43 15.62 0.26 9.62
CA PRO B 43 15.49 1.28 8.56
C PRO B 43 15.44 0.75 7.12
N ARG B 44 16.00 -0.42 6.88
CA ARG B 44 16.01 -0.99 5.53
C ARG B 44 14.62 -1.46 5.12
N GLY B 45 13.84 -1.85 6.10
CA GLY B 45 12.49 -2.34 5.83
C GLY B 45 11.48 -1.21 5.84
N ASP B 46 11.97 0.01 6.01
CA ASP B 46 11.10 1.18 6.00
C ASP B 46 10.98 1.57 4.53
N LEU B 47 9.84 1.26 3.92
CA LEU B 47 9.65 1.55 2.50
C LEU B 47 9.15 2.95 2.14
N CYS B 48 9.07 3.83 3.11
CA CYS B 48 8.60 5.19 2.83
C CYS B 48 9.59 6.06 2.10
N ASN B 49 10.89 5.91 2.41
CA ASN B 49 11.90 6.70 1.73
C ASN B 49 12.12 6.11 0.34
N PRO B 50 11.70 6.81 -0.72
CA PRO B 50 11.88 6.29 -2.07
C PRO B 50 13.35 6.09 -2.49
N ASN B 51 14.27 6.53 -1.63
CA ASN B 51 15.70 6.41 -1.91
C ASN B 51 16.32 5.22 -1.18
N GLY B 52 15.48 4.45 -0.50
CA GLY B 52 15.95 3.29 0.24
C GLY B 52 16.18 2.09 -0.67
N VAL B 53 16.88 1.09 -0.16
CA VAL B 53 17.20 -0.11 -0.93
C VAL B 53 15.97 -0.99 -1.21
N GLY B 54 15.02 -1.03 -0.28
CA GLY B 54 13.83 -1.83 -0.49
C GLY B 54 13.01 -1.33 -1.67
N PRO B 55 12.70 -0.04 -1.74
CA PRO B 55 11.92 0.44 -2.88
C PRO B 55 12.67 0.28 -4.20
N TRP B 56 13.99 0.44 -4.13
CA TRP B 56 14.83 0.30 -5.32
C TRP B 56 14.73 -1.13 -5.87
N LYS B 57 14.79 -2.12 -4.99
CA LYS B 57 14.71 -3.50 -5.42
C LYS B 57 13.35 -3.83 -6.02
N LEU B 58 12.28 -3.38 -5.37
CA LEU B 58 10.93 -3.64 -5.88
C LEU B 58 10.76 -2.94 -7.23
N ARG B 59 11.35 -1.76 -7.38
CA ARG B 59 11.28 -1.03 -8.63
C ARG B 59 11.91 -1.84 -9.77
N CYS B 60 13.16 -2.27 -9.56
CA CYS B 60 13.89 -3.04 -10.57
C CYS B 60 13.10 -4.25 -11.02
N LEU B 61 12.47 -4.94 -10.06
CA LEU B 61 11.69 -6.12 -10.39
C LEU B 61 10.41 -5.77 -11.15
N ALA B 62 9.63 -4.86 -10.60
CA ALA B 62 8.38 -4.43 -11.22
C ALA B 62 8.61 -3.88 -12.63
N GLN B 63 9.57 -2.97 -12.75
CA GLN B 63 9.90 -2.38 -14.04
C GLN B 63 10.27 -3.44 -15.07
N THR B 64 11.02 -4.46 -14.63
CA THR B 64 11.43 -5.53 -15.54
C THR B 64 10.26 -6.41 -15.98
N PHE B 65 9.36 -6.72 -15.06
CA PHE B 65 8.21 -7.55 -15.40
C PHE B 65 7.19 -6.76 -16.24
N ALA B 66 7.19 -5.44 -16.07
CA ALA B 66 6.27 -4.59 -16.80
C ALA B 66 6.59 -4.46 -18.29
N THR B 67 7.79 -4.87 -18.71
CA THR B 67 8.12 -4.80 -20.12
C THR B 67 7.38 -5.91 -20.83
N GLY B 68 6.85 -6.86 -20.04
CA GLY B 68 6.14 -7.98 -20.60
C GLY B 68 7.02 -8.99 -21.31
N GLU B 69 8.33 -8.71 -21.32
CA GLU B 69 9.27 -9.60 -21.98
C GLU B 69 9.73 -10.78 -21.14
N VAL B 70 9.29 -10.82 -19.89
CA VAL B 70 9.66 -11.90 -19.00
C VAL B 70 8.39 -12.62 -18.55
N SER B 71 8.07 -13.69 -19.25
CA SER B 71 6.87 -14.45 -18.94
C SER B 71 7.09 -15.94 -19.18
N GLY B 72 6.02 -16.70 -19.04
CA GLY B 72 6.09 -18.13 -19.23
C GLY B 72 5.12 -18.79 -18.27
N ARG B 73 5.37 -20.05 -17.96
CA ARG B 73 4.50 -20.79 -17.06
C ARG B 73 5.18 -21.05 -15.72
N THR B 74 6.45 -21.48 -15.76
CA THR B 74 7.18 -21.82 -14.54
C THR B 74 8.36 -20.92 -14.17
N LEU B 75 8.48 -20.64 -12.88
CA LEU B 75 9.56 -19.81 -12.38
C LEU B 75 10.21 -20.44 -11.16
N ILE B 76 11.52 -20.28 -11.04
CA ILE B 76 12.25 -20.80 -9.89
C ILE B 76 13.03 -19.71 -9.18
N ASP B 77 12.82 -19.60 -7.87
CA ASP B 77 13.53 -18.62 -7.06
C ASP B 77 14.65 -19.35 -6.35
N ILE B 78 15.89 -18.99 -6.67
CA ILE B 78 17.07 -19.62 -6.11
C ILE B 78 17.55 -19.03 -4.79
N GLY B 79 17.58 -19.86 -3.74
CA GLY B 79 18.02 -19.39 -2.44
C GLY B 79 17.09 -18.34 -1.84
N SER B 80 15.79 -18.64 -1.87
CA SER B 80 14.75 -17.76 -1.35
C SER B 80 15.02 -17.26 0.06
N GLY B 81 15.58 -18.12 0.89
CA GLY B 81 15.81 -17.72 2.26
C GLY B 81 14.42 -17.58 2.85
N PRO B 82 14.22 -16.76 3.90
CA PRO B 82 12.88 -16.61 4.47
C PRO B 82 12.12 -15.41 3.89
N THR B 83 12.45 -15.03 2.66
CA THR B 83 11.80 -13.86 2.05
C THR B 83 10.94 -14.20 0.84
N VAL B 84 9.94 -13.34 0.60
CA VAL B 84 9.02 -13.51 -0.52
C VAL B 84 8.95 -12.23 -1.40
N TYR B 85 9.44 -11.10 -0.88
CA TYR B 85 9.41 -9.81 -1.57
C TYR B 85 9.92 -9.88 -3.01
N GLN B 86 10.88 -10.77 -3.26
CA GLN B 86 11.45 -10.93 -4.60
C GLN B 86 10.49 -11.58 -5.61
N LEU B 87 9.31 -11.99 -5.16
CA LEU B 87 8.34 -12.62 -6.05
C LEU B 87 7.05 -11.82 -6.19
N LEU B 88 6.93 -10.70 -5.48
CA LEU B 88 5.73 -9.87 -5.52
C LEU B 88 5.30 -9.41 -6.92
N SER B 89 6.24 -8.87 -7.70
CA SER B 89 5.90 -8.43 -9.05
C SER B 89 5.92 -9.61 -10.02
N ALA B 90 6.63 -10.67 -9.65
CA ALA B 90 6.75 -11.86 -10.48
C ALA B 90 5.55 -12.80 -10.50
N CYS B 91 4.88 -12.94 -9.36
CA CYS B 91 3.77 -13.88 -9.27
C CYS B 91 2.60 -13.65 -10.22
N SER B 92 2.46 -12.45 -10.75
CA SER B 92 1.36 -12.18 -11.67
C SER B 92 1.74 -12.61 -13.08
N HIS B 93 2.95 -13.11 -13.26
CA HIS B 93 3.43 -13.52 -14.58
C HIS B 93 3.75 -14.99 -14.74
N PHE B 94 3.63 -15.77 -13.68
CA PHE B 94 3.92 -17.20 -13.75
C PHE B 94 2.94 -17.98 -12.88
N GLU B 95 2.29 -18.99 -13.45
CA GLU B 95 1.33 -19.78 -12.69
C GLU B 95 1.98 -20.81 -11.78
N ASP B 96 3.19 -21.24 -12.11
CA ASP B 96 3.90 -22.22 -11.29
C ASP B 96 5.20 -21.65 -10.76
N ILE B 97 5.28 -21.47 -9.44
CA ILE B 97 6.47 -20.91 -8.80
C ILE B 97 7.13 -21.88 -7.83
N THR B 98 8.42 -22.11 -8.01
CA THR B 98 9.16 -22.98 -7.13
C THR B 98 10.06 -22.13 -6.20
N MET B 99 9.88 -22.27 -4.89
CA MET B 99 10.76 -21.55 -3.96
C MET B 99 11.77 -22.56 -3.46
N THR B 100 12.96 -22.10 -3.11
CA THR B 100 14.00 -23.03 -2.66
C THR B 100 14.93 -22.47 -1.58
N ASP B 101 15.57 -23.40 -0.87
CA ASP B 101 16.57 -23.05 0.14
C ASP B 101 17.31 -24.25 0.71
N PHE B 102 18.55 -23.97 1.09
CA PHE B 102 19.46 -24.95 1.66
C PHE B 102 19.04 -25.37 3.07
N LEU B 103 18.59 -24.38 3.85
CA LEU B 103 18.19 -24.61 5.23
C LEU B 103 16.72 -24.91 5.44
N GLU B 104 16.47 -25.94 6.25
CA GLU B 104 15.12 -26.34 6.56
C GLU B 104 14.40 -25.23 7.30
N VAL B 105 15.09 -24.60 8.26
CA VAL B 105 14.47 -23.52 9.05
C VAL B 105 13.94 -22.40 8.18
N ASN B 106 14.63 -22.12 7.07
CA ASN B 106 14.16 -21.06 6.17
C ASN B 106 12.90 -21.56 5.49
N ARG B 107 12.95 -22.79 5.02
CA ARG B 107 11.80 -23.35 4.35
C ARG B 107 10.61 -23.34 5.31
N GLN B 108 10.88 -23.66 6.58
CA GLN B 108 9.83 -23.67 7.59
C GLN B 108 9.26 -22.27 7.79
N GLU B 109 10.09 -21.25 7.63
CA GLU B 109 9.68 -19.87 7.78
C GLU B 109 8.73 -19.48 6.63
N LEU B 110 9.08 -19.91 5.41
CA LEU B 110 8.22 -19.63 4.26
C LEU B 110 6.89 -20.36 4.52
N GLY B 111 7.00 -21.61 4.96
CA GLY B 111 5.82 -22.38 5.28
C GLY B 111 4.93 -21.67 6.28
N ARG B 112 5.53 -20.91 7.18
CA ARG B 112 4.76 -20.20 8.18
C ARG B 112 3.94 -19.11 7.49
N TRP B 113 4.54 -18.47 6.48
CA TRP B 113 3.85 -17.43 5.74
C TRP B 113 2.83 -18.00 4.77
N LEU B 114 3.18 -19.11 4.12
CA LEU B 114 2.26 -19.72 3.18
C LEU B 114 0.94 -20.08 3.88
N GLN B 115 1.02 -20.52 5.14
CA GLN B 115 -0.17 -20.90 5.91
C GLN B 115 -0.85 -19.68 6.53
N GLU B 116 -0.33 -18.51 6.21
CA GLU B 116 -0.88 -17.26 6.73
C GLU B 116 -1.03 -17.27 8.25
N GLU B 117 -0.04 -17.86 8.91
CA GLU B 117 -0.05 -17.91 10.37
C GLU B 117 0.35 -16.55 10.91
N PRO B 118 -0.18 -16.20 12.09
CA PRO B 118 0.11 -14.91 12.73
C PRO B 118 1.59 -14.78 13.11
N GLY B 119 2.23 -15.89 13.43
CA GLY B 119 3.63 -15.85 13.82
C GLY B 119 4.58 -15.54 12.68
N ALA B 120 4.11 -15.69 11.45
CA ALA B 120 4.93 -15.43 10.27
C ALA B 120 5.39 -13.98 10.19
N PHE B 121 6.39 -13.75 9.36
CA PHE B 121 6.90 -12.41 9.15
C PHE B 121 5.84 -11.67 8.34
N ASN B 122 5.60 -10.41 8.70
CA ASN B 122 4.62 -9.58 8.01
C ASN B 122 5.25 -8.86 6.82
N TRP B 123 4.83 -9.24 5.61
CA TRP B 123 5.35 -8.65 4.39
C TRP B 123 4.42 -7.61 3.77
N SER B 124 3.33 -7.28 4.47
CA SER B 124 2.36 -6.33 3.94
C SER B 124 2.92 -4.99 3.45
N MET B 125 4.00 -4.49 4.04
CA MET B 125 4.59 -3.22 3.61
C MET B 125 5.17 -3.38 2.20
N TYR B 126 5.85 -4.50 1.97
CA TYR B 126 6.43 -4.76 0.66
C TYR B 126 5.31 -5.03 -0.34
N SER B 127 4.30 -5.79 0.09
CA SER B 127 3.16 -6.10 -0.76
C SER B 127 2.47 -4.82 -1.23
N GLN B 128 2.23 -3.90 -0.30
CA GLN B 128 1.57 -2.64 -0.65
C GLN B 128 2.42 -1.78 -1.58
N HIS B 129 3.73 -1.70 -1.33
CA HIS B 129 4.56 -0.86 -2.21
C HIS B 129 4.67 -1.49 -3.58
N ALA B 130 4.69 -2.82 -3.65
CA ALA B 130 4.74 -3.47 -4.95
C ALA B 130 3.46 -3.06 -5.72
N CYS B 131 2.32 -3.14 -5.04
CA CYS B 131 1.04 -2.75 -5.65
C CYS B 131 1.08 -1.28 -6.03
N LEU B 132 1.68 -0.50 -5.16
CA LEU B 132 1.81 0.92 -5.37
C LEU B 132 2.60 1.25 -6.63
N ILE B 133 3.77 0.65 -6.78
CA ILE B 133 4.58 0.96 -7.96
C ILE B 133 4.19 0.20 -9.23
N GLU B 134 3.43 -0.88 -9.10
CA GLU B 134 2.98 -1.61 -10.26
C GLU B 134 1.88 -0.81 -10.99
N GLY B 135 1.33 0.18 -10.28
CA GLY B 135 0.31 1.05 -10.83
C GLY B 135 -0.96 0.47 -11.44
N LYS B 136 -1.45 -0.64 -10.91
CA LYS B 136 -2.65 -1.27 -11.44
C LYS B 136 -3.79 -1.19 -10.42
N GLY B 137 -3.58 -0.42 -9.36
CA GLY B 137 -4.59 -0.29 -8.33
C GLY B 137 -4.94 -1.58 -7.58
N GLU B 138 -4.02 -2.53 -7.49
CA GLU B 138 -4.30 -3.78 -6.79
C GLU B 138 -4.17 -3.58 -5.28
N CYS B 139 -4.91 -4.38 -4.52
CA CYS B 139 -4.83 -4.27 -3.07
C CYS B 139 -3.82 -5.35 -2.65
N TRP B 140 -3.00 -5.03 -1.65
CA TRP B 140 -1.97 -5.97 -1.22
C TRP B 140 -2.49 -7.36 -0.81
N GLN B 141 -3.70 -7.42 -0.28
CA GLN B 141 -4.26 -8.72 0.12
C GLN B 141 -4.46 -9.63 -1.09
N ASP B 142 -4.83 -9.04 -2.23
CA ASP B 142 -5.03 -9.85 -3.44
C ASP B 142 -3.68 -10.29 -3.99
N LYS B 143 -2.69 -9.41 -3.93
CA LYS B 143 -1.38 -9.77 -4.43
C LYS B 143 -0.80 -10.93 -3.62
N GLU B 144 -0.91 -10.84 -2.29
CA GLU B 144 -0.38 -11.90 -1.44
C GLU B 144 -1.13 -13.20 -1.65
N ARG B 145 -2.44 -13.12 -1.85
CA ARG B 145 -3.23 -14.33 -2.06
C ARG B 145 -2.82 -15.00 -3.38
N GLN B 146 -2.45 -14.18 -4.37
CA GLN B 146 -2.03 -14.72 -5.65
C GLN B 146 -0.68 -15.43 -5.50
N LEU B 147 0.21 -14.84 -4.69
CA LEU B 147 1.53 -15.43 -4.45
C LEU B 147 1.40 -16.76 -3.73
N ARG B 148 0.55 -16.83 -2.70
CA ARG B 148 0.38 -18.08 -1.96
C ARG B 148 -0.21 -19.18 -2.85
N ALA B 149 -1.06 -18.81 -3.80
CA ALA B 149 -1.68 -19.78 -4.69
C ALA B 149 -0.71 -20.29 -5.74
N ARG B 150 0.18 -19.42 -6.20
CA ARG B 150 1.13 -19.78 -7.22
C ARG B 150 2.40 -20.48 -6.75
N VAL B 151 2.72 -20.38 -5.46
CA VAL B 151 3.89 -21.07 -4.92
C VAL B 151 3.45 -22.53 -4.84
N LYS B 152 3.97 -23.34 -5.74
CA LYS B 152 3.59 -24.75 -5.81
C LYS B 152 4.45 -25.70 -4.99
N ARG B 153 5.62 -25.22 -4.54
CA ARG B 153 6.52 -26.05 -3.76
C ARG B 153 7.72 -25.28 -3.23
N VAL B 154 8.25 -25.77 -2.10
CA VAL B 154 9.42 -25.19 -1.46
C VAL B 154 10.41 -26.34 -1.37
N LEU B 155 11.40 -26.32 -2.25
CA LEU B 155 12.39 -27.38 -2.32
C LEU B 155 13.77 -27.08 -1.77
N PRO B 156 14.50 -28.14 -1.39
CA PRO B 156 15.85 -28.03 -0.86
C PRO B 156 16.74 -27.76 -2.07
N ILE B 157 17.81 -27.01 -1.88
CA ILE B 157 18.71 -26.70 -2.98
C ILE B 157 20.14 -26.46 -2.50
N ASP B 158 21.09 -26.76 -3.37
CA ASP B 158 22.51 -26.56 -3.12
C ASP B 158 23.07 -26.12 -4.46
N VAL B 159 23.34 -24.83 -4.61
CA VAL B 159 23.85 -24.32 -5.87
C VAL B 159 25.26 -24.79 -6.24
N HIS B 160 25.95 -25.44 -5.32
CA HIS B 160 27.30 -25.93 -5.59
C HIS B 160 27.30 -27.31 -6.24
N GLN B 161 26.12 -27.89 -6.40
CA GLN B 161 25.97 -29.21 -7.03
C GLN B 161 25.56 -29.05 -8.49
N PRO B 162 26.20 -29.80 -9.42
CA PRO B 162 25.88 -29.70 -10.84
C PRO B 162 24.38 -29.61 -11.09
N GLN B 163 23.62 -30.34 -10.28
CA GLN B 163 22.17 -30.34 -10.34
C GLN B 163 21.75 -29.80 -8.98
N PRO B 164 21.62 -28.48 -8.87
CA PRO B 164 21.24 -27.76 -7.65
C PRO B 164 20.04 -28.31 -6.91
N LEU B 165 19.08 -28.85 -7.64
CA LEU B 165 17.87 -29.39 -7.03
C LEU B 165 17.96 -30.87 -6.76
N GLY B 166 18.96 -31.53 -7.35
CA GLY B 166 19.11 -32.95 -7.17
C GLY B 166 18.53 -33.62 -8.41
N ALA B 167 18.88 -34.87 -8.63
CA ALA B 167 18.39 -35.61 -9.79
C ALA B 167 16.96 -36.09 -9.60
N GLY B 168 16.17 -36.02 -10.67
CA GLY B 168 14.80 -36.46 -10.61
C GLY B 168 13.96 -35.56 -9.71
N SER B 169 14.35 -34.29 -9.68
CA SER B 169 13.66 -33.29 -8.87
C SER B 169 12.24 -33.01 -9.34
N PRO B 170 11.36 -32.64 -8.40
CA PRO B 170 9.96 -32.31 -8.61
C PRO B 170 9.78 -31.08 -9.50
N ALA B 171 10.66 -30.09 -9.30
CA ALA B 171 10.60 -28.86 -10.06
C ALA B 171 10.45 -29.10 -11.56
N PRO B 172 9.42 -28.51 -12.18
CA PRO B 172 9.26 -28.69 -13.61
C PRO B 172 10.41 -27.98 -14.30
N LEU B 173 11.32 -28.76 -14.90
CA LEU B 173 12.48 -28.21 -15.58
C LEU B 173 12.39 -28.49 -17.07
N PRO B 174 12.93 -27.58 -17.90
CA PRO B 174 13.58 -26.34 -17.45
C PRO B 174 12.55 -25.24 -17.22
N ALA B 175 12.80 -24.41 -16.21
CA ALA B 175 11.89 -23.31 -15.89
C ALA B 175 11.98 -22.22 -16.96
N ASP B 176 10.90 -21.44 -17.12
CA ASP B 176 10.91 -20.37 -18.11
C ASP B 176 11.67 -19.15 -17.60
N ALA B 177 11.89 -19.09 -16.29
CA ALA B 177 12.62 -17.96 -15.70
C ALA B 177 13.19 -18.29 -14.32
N LEU B 178 14.19 -17.52 -13.92
CA LEU B 178 14.81 -17.69 -12.60
C LEU B 178 14.93 -16.35 -11.92
N VAL B 179 14.82 -16.38 -10.59
CA VAL B 179 14.96 -15.21 -9.75
C VAL B 179 15.90 -15.66 -8.63
N SER B 180 16.80 -14.78 -8.22
CA SER B 180 17.71 -15.11 -7.14
C SER B 180 18.21 -13.80 -6.55
N ALA B 181 18.10 -13.69 -5.23
CA ALA B 181 18.52 -12.48 -4.55
C ALA B 181 19.40 -12.81 -3.37
N PHE B 182 20.60 -12.23 -3.38
CA PHE B 182 21.58 -12.41 -2.30
C PHE B 182 21.92 -13.85 -1.96
N CYS B 183 21.97 -14.71 -2.97
CA CYS B 183 22.30 -16.09 -2.72
C CYS B 183 23.72 -16.46 -3.13
N LEU B 184 23.97 -16.47 -4.43
CA LEU B 184 25.28 -16.86 -4.96
C LEU B 184 26.50 -16.28 -4.25
N GLU B 185 26.59 -14.97 -4.16
CA GLU B 185 27.75 -14.36 -3.52
C GLU B 185 27.80 -14.61 -2.01
N ALA B 186 26.64 -14.90 -1.42
CA ALA B 186 26.53 -15.13 0.01
C ALA B 186 26.90 -16.55 0.41
N VAL B 187 27.10 -17.43 -0.57
CA VAL B 187 27.43 -18.80 -0.25
C VAL B 187 28.63 -19.30 -1.06
N SER B 188 29.27 -18.39 -1.78
CA SER B 188 30.43 -18.74 -2.58
C SER B 188 31.68 -18.18 -1.92
N PRO B 189 32.69 -19.04 -1.67
CA PRO B 189 33.94 -18.63 -1.04
C PRO B 189 34.69 -17.62 -1.89
N ASP B 190 34.68 -17.82 -3.20
CA ASP B 190 35.37 -16.92 -4.11
C ASP B 190 34.65 -16.78 -5.45
N LEU B 191 35.15 -15.89 -6.28
CA LEU B 191 34.57 -15.64 -7.59
C LEU B 191 34.44 -16.88 -8.47
N ALA B 192 35.39 -17.81 -8.36
CA ALA B 192 35.37 -19.03 -9.17
C ALA B 192 34.21 -19.92 -8.72
N SER B 193 33.94 -19.92 -7.42
CA SER B 193 32.85 -20.70 -6.83
C SER B 193 31.53 -20.05 -7.27
N PHE B 194 31.52 -18.71 -7.24
CA PHE B 194 30.36 -17.91 -7.66
C PHE B 194 30.03 -18.21 -9.12
N GLN B 195 31.08 -18.29 -9.94
CA GLN B 195 30.95 -18.57 -11.36
C GLN B 195 30.37 -19.98 -11.57
N ARG B 196 30.89 -20.95 -10.83
CA ARG B 196 30.37 -22.30 -10.97
C ARG B 196 28.92 -22.40 -10.50
N ALA B 197 28.60 -21.73 -9.40
CA ALA B 197 27.24 -21.74 -8.88
C ALA B 197 26.30 -21.17 -9.93
N LEU B 198 26.76 -20.11 -10.60
CA LEU B 198 25.96 -19.49 -11.64
C LEU B 198 25.70 -20.48 -12.77
N ASP B 199 26.74 -21.20 -13.19
CA ASP B 199 26.59 -22.18 -14.27
C ASP B 199 25.61 -23.26 -13.86
N HIS B 200 25.75 -23.70 -12.61
CA HIS B 200 24.88 -24.74 -12.04
C HIS B 200 23.40 -24.38 -12.11
N ILE B 201 23.03 -23.21 -11.62
CA ILE B 201 21.62 -22.86 -11.66
C ILE B 201 21.18 -22.55 -13.10
N THR B 202 22.13 -22.16 -13.94
CA THR B 202 21.80 -21.84 -15.32
C THR B 202 21.30 -23.07 -16.08
N THR B 203 21.60 -24.26 -15.56
CA THR B 203 21.17 -25.49 -16.19
C THR B 203 19.67 -25.67 -15.96
N LEU B 204 19.13 -24.96 -14.97
CA LEU B 204 17.72 -25.04 -14.65
C LEU B 204 16.87 -24.11 -15.52
N LEU B 205 17.52 -23.32 -16.35
CA LEU B 205 16.83 -22.35 -17.21
C LEU B 205 16.83 -22.70 -18.70
N ARG B 206 15.66 -22.72 -19.30
CA ARG B 206 15.55 -23.04 -20.73
C ARG B 206 16.23 -21.96 -21.56
N PRO B 207 16.70 -22.32 -22.77
CA PRO B 207 17.37 -21.34 -23.64
C PRO B 207 16.31 -20.28 -23.95
N GLY B 208 16.70 -19.02 -23.94
CA GLY B 208 15.74 -17.96 -24.19
C GLY B 208 15.09 -17.49 -22.90
N GLY B 209 15.27 -18.28 -21.84
CA GLY B 209 14.70 -17.93 -20.54
C GLY B 209 15.38 -16.72 -19.90
N HIS B 210 14.74 -16.18 -18.86
CA HIS B 210 15.26 -15.00 -18.19
C HIS B 210 15.70 -15.22 -16.74
N LEU B 211 16.76 -14.53 -16.35
CA LEU B 211 17.28 -14.60 -14.98
C LEU B 211 17.31 -13.19 -14.40
N LEU B 212 16.63 -13.01 -13.28
CA LEU B 212 16.64 -11.71 -12.61
C LEU B 212 17.47 -11.98 -11.37
N LEU B 213 18.66 -11.39 -11.33
CA LEU B 213 19.57 -11.61 -10.23
C LEU B 213 19.85 -10.35 -9.44
N ILE B 214 19.68 -10.44 -8.12
CA ILE B 214 19.94 -9.32 -7.23
C ILE B 214 21.04 -9.79 -6.28
N GLY B 215 21.93 -8.88 -5.89
CA GLY B 215 23.00 -9.27 -4.99
C GLY B 215 23.74 -8.12 -4.36
N ALA B 216 24.62 -8.45 -3.41
CA ALA B 216 25.41 -7.45 -2.70
C ALA B 216 26.72 -7.15 -3.44
N LEU B 217 27.02 -5.87 -3.58
CA LEU B 217 28.25 -5.46 -4.27
C LEU B 217 29.30 -5.14 -3.20
N GLU B 218 30.52 -5.63 -3.42
CA GLU B 218 31.64 -5.40 -2.51
C GLU B 218 31.32 -5.67 -1.05
N GLU B 219 30.72 -6.81 -0.77
CA GLU B 219 30.38 -7.17 0.61
C GLU B 219 31.22 -8.38 1.02
N SER B 220 31.69 -8.37 2.27
CA SER B 220 32.51 -9.48 2.74
C SER B 220 31.90 -10.21 3.94
N TRP B 221 30.90 -9.60 4.57
CA TRP B 221 30.22 -10.27 5.68
C TRP B 221 28.87 -9.65 5.99
N TYR B 222 28.03 -10.44 6.65
CA TYR B 222 26.71 -9.99 7.07
C TYR B 222 26.26 -10.90 8.23
N LEU B 223 25.41 -10.37 9.09
CA LEU B 223 24.93 -11.11 10.25
C LEU B 223 23.53 -11.69 10.10
N ALA B 224 23.33 -12.83 10.76
CA ALA B 224 22.05 -13.52 10.77
C ALA B 224 21.96 -14.14 12.17
N GLY B 225 22.02 -13.29 13.19
CA GLY B 225 21.93 -13.75 14.55
C GLY B 225 23.29 -13.99 15.18
N GLU B 226 23.56 -15.26 15.52
CA GLU B 226 24.84 -15.63 16.12
C GLU B 226 25.83 -15.70 14.96
N ALA B 227 25.34 -16.22 13.84
CA ALA B 227 26.12 -16.39 12.63
C ALA B 227 26.57 -15.10 11.93
N ARG B 228 27.88 -14.98 11.76
CA ARG B 228 28.48 -13.87 11.03
C ARG B 228 28.93 -14.63 9.79
N LEU B 229 28.29 -14.36 8.66
CA LEU B 229 28.60 -15.07 7.44
C LEU B 229 29.59 -14.39 6.49
N THR B 230 30.38 -15.22 5.83
CA THR B 230 31.39 -14.77 4.88
C THR B 230 30.81 -14.64 3.48
N VAL B 231 31.12 -13.51 2.83
CA VAL B 231 30.62 -13.24 1.49
C VAL B 231 31.79 -12.86 0.58
N VAL B 232 31.68 -13.23 -0.69
CA VAL B 232 32.73 -12.88 -1.65
C VAL B 232 32.38 -11.48 -2.15
N PRO B 233 33.33 -10.54 -2.04
CA PRO B 233 33.11 -9.16 -2.50
C PRO B 233 33.22 -9.08 -4.02
N VAL B 234 32.09 -8.91 -4.71
CA VAL B 234 32.09 -8.81 -6.16
C VAL B 234 31.78 -7.40 -6.64
N SER B 235 32.19 -7.09 -7.86
CA SER B 235 31.98 -5.79 -8.46
C SER B 235 30.95 -5.96 -9.58
N GLU B 236 30.43 -4.85 -10.08
CA GLU B 236 29.47 -4.90 -11.15
C GLU B 236 30.14 -5.55 -12.35
N GLU B 237 31.37 -5.15 -12.65
CA GLU B 237 32.11 -5.72 -13.79
C GLU B 237 32.21 -7.24 -13.68
N GLU B 238 32.53 -7.73 -12.48
CA GLU B 238 32.65 -9.17 -12.24
C GLU B 238 31.31 -9.90 -12.43
N VAL B 239 30.22 -9.29 -11.96
CA VAL B 239 28.92 -9.91 -12.12
C VAL B 239 28.60 -9.96 -13.61
N ARG B 240 28.88 -8.87 -14.33
CA ARG B 240 28.60 -8.85 -15.76
C ARG B 240 29.37 -9.94 -16.48
N GLU B 241 30.69 -9.97 -16.25
CA GLU B 241 31.56 -10.96 -16.86
C GLU B 241 31.11 -12.39 -16.57
N ALA B 242 30.71 -12.66 -15.33
CA ALA B 242 30.25 -14.00 -14.96
C ALA B 242 28.99 -14.40 -15.72
N LEU B 243 28.08 -13.43 -15.87
CA LEU B 243 26.84 -13.64 -16.59
C LEU B 243 27.13 -14.00 -18.03
N VAL B 244 28.04 -13.26 -18.64
CA VAL B 244 28.45 -13.49 -20.02
C VAL B 244 29.08 -14.89 -20.15
N ARG B 245 29.93 -15.25 -19.20
CA ARG B 245 30.58 -16.56 -19.24
C ARG B 245 29.62 -17.74 -19.09
N SER B 246 28.49 -17.53 -18.43
CA SER B 246 27.53 -18.62 -18.27
C SER B 246 26.58 -18.71 -19.46
N GLY B 247 26.80 -17.86 -20.45
CA GLY B 247 25.96 -17.88 -21.64
C GLY B 247 24.73 -16.99 -21.63
N TYR B 248 24.80 -15.86 -20.94
CA TYR B 248 23.69 -14.93 -20.86
C TYR B 248 23.99 -13.65 -21.62
N LYS B 249 22.93 -13.02 -22.11
CA LYS B 249 23.08 -11.73 -22.76
C LYS B 249 22.55 -10.77 -21.69
N VAL B 250 23.39 -9.85 -21.24
CA VAL B 250 22.96 -8.93 -20.20
C VAL B 250 22.04 -7.89 -20.82
N ARG B 251 20.79 -7.89 -20.38
CA ARG B 251 19.80 -6.95 -20.88
C ARG B 251 19.77 -5.69 -20.05
N ASP B 252 20.14 -5.83 -18.77
CA ASP B 252 20.13 -4.69 -17.87
C ASP B 252 20.91 -5.04 -16.61
N LEU B 253 21.75 -4.10 -16.18
CA LEU B 253 22.55 -4.30 -14.99
C LEU B 253 22.72 -2.97 -14.28
N ARG B 254 21.95 -2.78 -13.20
CA ARG B 254 21.99 -1.54 -12.43
C ARG B 254 22.63 -1.73 -11.06
N THR B 255 23.13 -0.62 -10.51
CA THR B 255 23.76 -0.61 -9.20
C THR B 255 23.15 0.44 -8.28
N TYR B 256 22.89 0.03 -7.05
CA TYR B 256 22.35 0.93 -6.04
C TYR B 256 23.46 1.10 -5.02
N ILE B 257 23.84 2.34 -4.74
CA ILE B 257 24.87 2.60 -3.75
C ILE B 257 24.22 2.77 -2.38
N MET B 258 24.61 1.92 -1.44
CA MET B 258 24.05 1.94 -0.10
C MET B 258 24.37 3.24 0.62
N PRO B 259 23.33 4.00 0.98
CA PRO B 259 23.54 5.27 1.69
C PRO B 259 23.92 5.07 3.15
N ALA B 260 24.64 6.04 3.70
CA ALA B 260 25.10 6.00 5.08
C ALA B 260 24.00 5.57 6.05
N HIS B 261 22.84 6.20 5.93
CA HIS B 261 21.71 5.90 6.79
C HIS B 261 21.29 4.44 6.81
N LEU B 262 21.66 3.68 5.77
CA LEU B 262 21.28 2.28 5.73
C LEU B 262 22.44 1.34 6.04
N GLN B 263 23.60 1.90 6.38
CA GLN B 263 24.78 1.12 6.76
C GLN B 263 24.57 0.94 8.27
N THR B 264 24.03 -0.21 8.66
CA THR B 264 23.73 -0.45 10.07
C THR B 264 24.62 -1.33 10.93
N GLY B 265 25.64 -1.94 10.35
CA GLY B 265 26.48 -2.79 11.17
C GLY B 265 26.11 -4.26 11.04
N VAL B 266 25.03 -4.55 10.34
CA VAL B 266 24.61 -5.94 10.15
C VAL B 266 25.44 -6.54 9.01
N ASP B 267 26.24 -5.70 8.35
CA ASP B 267 27.10 -6.11 7.24
C ASP B 267 27.98 -4.95 6.78
N ASP B 268 28.82 -5.17 5.76
CA ASP B 268 29.68 -4.13 5.22
C ASP B 268 29.37 -3.89 3.73
N VAL B 269 28.11 -4.11 3.36
CA VAL B 269 27.70 -3.95 1.98
C VAL B 269 27.89 -2.51 1.48
N LYS B 270 28.38 -2.36 0.25
CA LYS B 270 28.60 -1.01 -0.31
C LYS B 270 27.53 -0.69 -1.34
N GLY B 271 26.93 -1.74 -1.88
CA GLY B 271 25.91 -1.52 -2.88
C GLY B 271 25.17 -2.79 -3.22
N VAL B 272 24.18 -2.63 -4.08
CA VAL B 272 23.36 -3.76 -4.52
C VAL B 272 23.26 -3.68 -6.03
N PHE B 273 23.33 -4.83 -6.67
CA PHE B 273 23.23 -4.86 -8.10
C PHE B 273 21.97 -5.60 -8.54
N PHE B 274 21.46 -5.21 -9.70
CA PHE B 274 20.31 -5.86 -10.24
C PHE B 274 20.65 -6.19 -11.66
N ALA B 275 20.54 -7.46 -12.01
CA ALA B 275 20.87 -7.89 -13.35
C ALA B 275 19.70 -8.60 -13.99
N TRP B 276 19.38 -8.21 -15.21
CA TRP B 276 18.33 -8.85 -15.99
C TRP B 276 19.10 -9.46 -17.14
N ALA B 277 19.18 -10.78 -17.16
CA ALA B 277 19.91 -11.50 -18.18
C ALA B 277 19.07 -12.58 -18.85
N GLN B 278 19.30 -12.76 -20.15
CA GLN B 278 18.57 -13.75 -20.91
C GLN B 278 19.55 -14.81 -21.43
N LYS B 279 19.20 -16.08 -21.23
CA LYS B 279 20.05 -17.17 -21.66
C LYS B 279 20.00 -17.31 -23.18
N VAL B 280 21.17 -17.32 -23.82
CA VAL B 280 21.24 -17.44 -25.28
C VAL B 280 20.91 -18.85 -25.78
N GLY B 281 19.90 -18.93 -26.66
CA GLY B 281 19.44 -20.20 -27.20
C GLY B 281 20.29 -20.90 -28.24
P PO4 C . -22.22 20.05 -14.76
O1 PO4 C . -21.85 18.61 -14.85
O2 PO4 C . -23.03 20.42 -15.96
O3 PO4 C . -21.00 20.88 -14.70
O4 PO4 C . -23.04 20.26 -13.54
N SAH D . -18.79 12.70 7.62
CA SAH D . -18.74 11.31 8.08
CB SAH D . -19.82 11.09 9.18
CG SAH D . -21.27 11.50 8.82
SD SAH D . -22.48 10.98 10.09
C SAH D . -18.86 10.29 6.94
O SAH D . -19.31 9.15 7.16
OXT SAH D . -18.47 10.64 5.79
C5' SAH D . -23.45 12.50 10.35
C4' SAH D . -22.83 13.34 11.44
O4' SAH D . -23.50 14.63 11.58
C3' SAH D . -22.74 12.73 12.83
O3' SAH D . -21.39 12.69 13.27
C2' SAH D . -23.64 13.64 13.68
O2' SAH D . -23.25 13.76 15.04
C1' SAH D . -23.50 14.98 12.95
N9 SAH D . -24.58 15.94 13.21
C8 SAH D . -25.85 15.74 13.84
N7 SAH D . -26.54 16.85 13.98
C5 SAH D . -25.73 17.81 13.39
C6 SAH D . -25.95 19.19 13.26
N6 SAH D . -27.03 19.82 13.71
N1 SAH D . -24.97 19.93 12.65
C2 SAH D . -23.86 19.29 12.21
N3 SAH D . -23.55 17.97 12.29
C4 SAH D . -24.54 17.28 12.91
C2 OTR E . -24.24 5.25 3.21
C3 OTR E . -23.24 4.54 2.54
C4 OTR E . -21.91 4.68 2.91
O4 OTR E . -20.94 3.99 2.26
C5 OTR E . -21.57 5.55 3.96
C6 OTR E . -22.58 6.25 4.62
C1 OTR E . -23.91 6.11 4.24
C7 OTR E . -25.03 6.87 4.94
O7 OTR E . -25.81 5.97 5.73
C8 OTR E . -24.49 7.98 5.85
N8 OTR E . -25.61 8.69 6.51
N SAH F . 16.88 -14.51 -1.02
CA SAH F . 16.69 -13.90 0.29
CB SAH F . 17.61 -14.58 1.33
CG SAH F . 19.10 -14.64 0.98
SD SAH F . 20.08 -15.20 2.42
C SAH F . 16.85 -12.37 0.27
O SAH F . 16.70 -11.78 -0.82
OXT SAH F . 17.08 -11.77 1.34
C5' SAH F . 21.14 -16.51 1.72
C4' SAH F . 20.44 -17.85 1.67
O4' SAH F . 21.19 -18.83 0.92
C3' SAH F . 20.05 -18.51 2.99
O3' SAH F . 18.65 -18.70 3.04
C2' SAH F . 20.85 -19.82 2.99
O2' SAH F . 20.22 -20.90 3.65
C1' SAH F . 20.97 -20.11 1.49
N9 SAH F . 22.06 -21.00 1.12
C8 SAH F . 23.21 -21.39 1.88
N7 SAH F . 23.96 -22.28 1.27
C5 SAH F . 23.30 -22.48 0.07
C6 SAH F . 23.64 -23.36 -1.00
N6 SAH F . 24.71 -24.17 -1.00
N1 SAH F . 22.82 -23.36 -2.10
C2 SAH F . 21.73 -22.55 -2.09
N3 SAH F . 21.31 -21.69 -1.13
C4 SAH F . 22.15 -21.71 -0.07
C2 OTR G . 22.37 -6.49 2.00
C3 OTR G . 21.44 -5.47 1.89
C4 OTR G . 20.08 -5.78 1.81
O4 OTR G . 19.17 -4.77 1.74
C5 OTR G . 19.67 -7.10 1.83
C6 OTR G . 20.60 -8.13 1.94
C1 OTR G . 21.96 -7.83 2.02
C7 OTR G . 23.03 -8.91 2.17
O7 OTR G . 23.60 -8.83 3.48
C8 OTR G . 22.47 -10.32 1.95
N8 OTR G . 23.57 -11.29 2.08
#